data_7DUU
#
_entry.id   7DUU
#
_cell.length_a   82.056
_cell.length_b   153.962
_cell.length_c   177.556
_cell.angle_alpha   90.000
_cell.angle_beta   90.000
_cell.angle_gamma   90.000
#
_symmetry.space_group_name_H-M   'I 2 2 2'
#
loop_
_entity.id
_entity.type
_entity.pdbx_description
1 polymer 'MHC class I antigen'
2 polymer Beta-2-microglobulin
3 polymer LEU-ASN-PRO-SER-VAL-ALA-ALA-THR-LEU
4 polymer 'Killer cell immunoglobulin-like receptor 2DS2'
5 water water
#
loop_
_entity_poly.entity_id
_entity_poly.type
_entity_poly.pdbx_seq_one_letter_code
_entity_poly.pdbx_strand_id
1 'polypeptide(L)'
;SHSMKYFFTSVSRPGRGEPRFISVGYVDDTQFVRFDSDAASPRGEPRAPWVEQEGPEYWDRETQKYKRQAQTDRVSLRNL
RGYYNQSEAGSHTLQWMCGCDLGPDGRLLRGYDQYAYDGKDYIALNEDLRSWTAADTAAQITQRKWEAAREAEQRRAYLE
GTCVEWLRRYLENGKETLQRAEHPKTHVTHHPVSDHEATLRCWALGFYPAEITLTWQWDGEDQTQDTELVETRPAGDGTF
QKWAAVMVPSGEEQRYTCHVQHEGLPEPLTLRW
;
A
2 'polypeptide(L)'
;MIQRTPKIQVYSRHPAENGKSNFLNCYVSGFHPSDIEVDLLKNGERIEKVEHSDLSFSKDWSFYLLYYTEFTPTEKDEYA
CRVNHVTLSQPKIVKWDRDM
;
B
3 'polypeptide(L)' LNPSVAATL C
4 'polypeptide(L)'
;HEGVHRKPSLLAHPGPLVKSEETVILQCWSDVRFEHFLLHREGKYKDTLHLIGEHHDGVSKANFSIGPMMQDLAGTYRCY
GSVTHSPYQLSAPSDPLDIVITGLYEKPSLSAQPGPTVLAGESVTLSCSSRSSYDMYHLSREGEAHERRFSAGPKVNGTF
QADFPLGPATHGGTYRCFGSFRDSPYEWSNSSDPLLVSVT
;
D
#
# COMPACT_ATOMS: atom_id res chain seq x y z
N SER A 1 25.35 -4.89 0.71
CA SER A 1 24.66 -3.65 1.15
C SER A 1 23.42 -4.02 1.96
N HIS A 2 23.35 -3.62 3.21
CA HIS A 2 22.12 -3.91 3.93
C HIS A 2 20.98 -3.01 3.44
N SER A 3 19.77 -3.49 3.65
CA SER A 3 18.60 -2.74 3.24
C SER A 3 17.42 -3.13 4.11
N MET A 4 16.46 -2.21 4.21
CA MET A 4 15.16 -2.46 4.79
C MET A 4 14.11 -2.06 3.76
N LYS A 5 13.17 -2.95 3.48
CA LYS A 5 12.15 -2.73 2.45
C LYS A 5 10.79 -3.12 2.98
N TYR A 6 9.80 -2.26 2.77
CA TYR A 6 8.41 -2.52 3.12
C TYR A 6 7.59 -2.67 1.84
N PHE A 7 6.62 -3.57 1.86
CA PHE A 7 5.80 -3.87 0.70
C PHE A 7 4.36 -3.87 1.17
N PHE A 8 3.53 -3.11 0.47
CA PHE A 8 2.12 -2.96 0.81
C PHE A 8 1.30 -3.31 -0.43
N THR A 9 0.25 -4.10 -0.22
CA THR A 9 -0.65 -4.46 -1.30
C THR A 9 -2.08 -4.27 -0.82
N SER A 10 -2.88 -3.57 -1.62
CA SER A 10 -4.32 -3.48 -1.39
C SER A 10 -5.07 -3.93 -2.64
N VAL A 11 -6.02 -4.84 -2.43
CA VAL A 11 -6.82 -5.43 -3.50
C VAL A 11 -8.28 -5.17 -3.19
N SER A 12 -8.95 -4.40 -4.05
CA SER A 12 -10.39 -4.21 -3.91
C SER A 12 -11.13 -5.47 -4.37
N ARG A 13 -12.25 -5.75 -3.72
CA ARG A 13 -13.06 -6.92 -4.06
C ARG A 13 -14.52 -6.47 -4.04
N PRO A 14 -15.02 -5.99 -5.18
CA PRO A 14 -16.38 -5.43 -5.24
C PRO A 14 -17.43 -6.40 -4.75
N GLY A 15 -18.25 -5.92 -3.81
CA GLY A 15 -19.31 -6.77 -3.29
C GLY A 15 -18.86 -7.61 -2.10
N ARG A 16 -17.62 -8.09 -2.13
CA ARG A 16 -17.04 -8.87 -1.04
C ARG A 16 -16.41 -7.99 0.05
N GLY A 17 -16.98 -6.84 0.36
CA GLY A 17 -16.48 -6.03 1.47
C GLY A 17 -15.33 -5.11 1.10
N GLU A 18 -14.68 -4.60 2.14
CA GLU A 18 -13.61 -3.63 1.95
C GLU A 18 -12.35 -4.30 1.38
N PRO A 19 -11.42 -3.51 0.84
CA PRO A 19 -10.26 -4.10 0.19
C PRO A 19 -9.40 -4.88 1.17
N ARG A 20 -8.80 -5.95 0.66
CA ARG A 20 -7.79 -6.70 1.40
C ARG A 20 -6.49 -5.92 1.38
N PHE A 21 -5.94 -5.66 2.57
CA PHE A 21 -4.69 -4.92 2.74
C PHE A 21 -3.68 -5.83 3.41
N ILE A 22 -2.51 -5.98 2.78
CA ILE A 22 -1.41 -6.82 3.27
C ILE A 22 -0.10 -6.06 3.16
N SER A 23 0.68 -6.05 4.25
CA SER A 23 1.98 -5.40 4.29
C SER A 23 3.00 -6.27 4.98
N VAL A 24 4.24 -6.28 4.46
CA VAL A 24 5.33 -7.03 5.08
C VAL A 24 6.59 -6.19 5.03
N GLY A 25 7.48 -6.42 6.01
CA GLY A 25 8.75 -5.72 6.08
C GLY A 25 9.92 -6.71 6.12
N TYR A 26 11.02 -6.32 5.48
CA TYR A 26 12.21 -7.14 5.40
C TYR A 26 13.42 -6.33 5.82
N VAL A 27 14.33 -6.95 6.57
CA VAL A 27 15.73 -6.54 6.58
C VAL A 27 16.51 -7.52 5.72
N ASP A 28 17.10 -7.03 4.63
CA ASP A 28 17.72 -7.90 3.65
C ASP A 28 16.72 -8.97 3.21
N ASP A 29 17.05 -10.25 3.38
CA ASP A 29 16.20 -11.34 2.93
C ASP A 29 15.45 -11.99 4.09
N THR A 30 15.28 -11.27 5.19
CA THR A 30 14.59 -11.74 6.39
C THR A 30 13.30 -10.96 6.58
N GLN A 31 12.15 -11.61 6.44
CA GLN A 31 10.91 -10.98 6.87
C GLN A 31 10.90 -10.83 8.39
N PHE A 32 10.50 -9.65 8.87
CA PHE A 32 10.44 -9.39 10.31
C PHE A 32 9.10 -8.87 10.82
N VAL A 33 8.20 -8.43 9.94
CA VAL A 33 6.91 -7.89 10.38
C VAL A 33 5.89 -8.19 9.30
N ARG A 34 4.63 -8.22 9.70
CA ARG A 34 3.54 -8.62 8.81
C ARG A 34 2.26 -7.97 9.31
N PHE A 35 1.39 -7.59 8.38
CA PHE A 35 0.04 -7.14 8.72
C PHE A 35 -0.91 -7.58 7.62
N ASP A 36 -2.00 -8.22 8.02
CA ASP A 36 -3.00 -8.76 7.12
C ASP A 36 -4.38 -8.33 7.60
N SER A 37 -5.10 -7.59 6.75
CA SER A 37 -6.42 -7.11 7.12
C SER A 37 -7.46 -8.21 7.29
N ASP A 38 -7.19 -9.43 6.81
CA ASP A 38 -8.20 -10.48 6.96
C ASP A 38 -8.04 -11.30 8.23
N ALA A 39 -6.89 -11.20 8.92
CA ALA A 39 -6.70 -11.94 10.15
C ALA A 39 -7.70 -11.50 11.20
N ALA A 40 -8.01 -12.42 12.13
CA ALA A 40 -8.88 -12.10 13.24
C ALA A 40 -8.21 -11.08 14.15
N SER A 41 -8.91 -9.98 14.43
CA SER A 41 -8.36 -8.84 15.16
C SER A 41 -6.97 -8.45 14.67
N PRO A 42 -6.85 -7.98 13.43
CA PRO A 42 -5.52 -7.77 12.85
C PRO A 42 -4.72 -6.71 13.57
N ARG A 43 -3.42 -6.95 13.66
CA ARG A 43 -2.43 -6.05 14.23
C ARG A 43 -1.09 -6.40 13.60
N GLY A 44 -0.13 -5.48 13.71
CA GLY A 44 1.23 -5.79 13.31
C GLY A 44 1.77 -6.97 14.12
N GLU A 45 2.49 -7.87 13.45
CA GLU A 45 2.99 -9.06 14.12
C GLU A 45 4.48 -9.25 13.84
N PRO A 46 5.26 -9.65 14.83
CA PRO A 46 6.68 -9.93 14.57
C PRO A 46 6.86 -11.26 13.85
N ARG A 47 7.92 -11.33 13.04
CA ARG A 47 8.27 -12.51 12.29
C ARG A 47 9.76 -12.83 12.40
N ALA A 48 10.49 -12.07 13.21
CA ALA A 48 11.89 -12.28 13.54
C ALA A 48 12.07 -12.01 15.03
N PRO A 49 12.96 -12.75 15.70
CA PRO A 49 13.11 -12.57 17.15
C PRO A 49 13.50 -11.15 17.55
N TRP A 50 14.34 -10.48 16.74
CA TRP A 50 14.94 -9.21 17.13
C TRP A 50 14.01 -8.00 17.00
N VAL A 51 12.71 -8.17 16.72
CA VAL A 51 11.73 -7.13 16.98
C VAL A 51 10.67 -7.56 17.99
N GLU A 52 10.76 -8.78 18.52
CA GLU A 52 9.77 -9.23 19.50
C GLU A 52 9.88 -8.47 20.81
N GLN A 53 11.05 -7.95 21.10
CA GLN A 53 11.21 -7.23 22.38
C GLN A 53 11.15 -5.72 22.19
N GLU A 54 10.61 -5.20 21.10
CA GLU A 54 10.55 -3.76 20.93
C GLU A 54 9.55 -3.09 21.86
N GLY A 55 8.67 -3.85 22.50
CA GLY A 55 7.78 -3.31 23.50
C GLY A 55 6.42 -2.95 22.95
N PRO A 56 5.45 -2.77 23.84
CA PRO A 56 4.07 -2.61 23.39
C PRO A 56 3.79 -1.29 22.71
N GLU A 57 4.50 -0.22 23.07
CA GLU A 57 4.27 1.06 22.38
C GLU A 57 4.71 0.97 20.93
N TYR A 58 5.90 0.41 20.68
CA TYR A 58 6.37 0.15 19.31
C TYR A 58 5.33 -0.61 18.51
N TRP A 59 4.82 -1.70 19.08
CA TRP A 59 3.91 -2.55 18.33
C TRP A 59 2.53 -1.93 18.21
N ASP A 60 2.15 -1.11 19.18
CA ASP A 60 0.85 -0.47 19.07
C ASP A 60 0.86 0.59 17.98
N ARG A 61 1.89 1.44 17.93
CA ARG A 61 1.85 2.49 16.91
C ARG A 61 2.12 1.95 15.52
N GLU A 62 2.89 0.87 15.39
CA GLU A 62 2.98 0.23 14.07
C GLU A 62 1.61 -0.27 13.64
N THR A 63 0.86 -0.87 14.57
CA THR A 63 -0.46 -1.38 14.27
C THR A 63 -1.41 -0.28 13.84
N GLN A 64 -1.33 0.88 14.50
CA GLN A 64 -2.20 1.98 14.14
C GLN A 64 -1.80 2.56 12.80
N LYS A 65 -0.48 2.66 12.54
CA LYS A 65 -0.03 3.09 11.23
C LYS A 65 -0.56 2.18 10.13
N TYR A 66 -0.53 0.85 10.36
CA TYR A 66 -1.04 -0.09 9.35
C TYR A 66 -2.52 0.16 9.10
N LYS A 67 -3.30 0.33 10.17
CA LYS A 67 -4.74 0.45 10.01
C LYS A 67 -5.12 1.73 9.29
N ARG A 68 -4.41 2.82 9.57
CA ARG A 68 -4.65 4.07 8.83
C ARG A 68 -4.23 3.93 7.37
N GLN A 69 -3.14 3.20 7.12
CA GLN A 69 -2.71 3.01 5.73
C GLN A 69 -3.69 2.14 4.95
N ALA A 70 -4.32 1.17 5.60
CA ALA A 70 -5.32 0.37 4.92
C ALA A 70 -6.49 1.23 4.47
N GLN A 71 -6.95 2.14 5.32
CA GLN A 71 -8.05 3.01 4.91
C GLN A 71 -7.60 4.09 3.94
N THR A 72 -6.37 4.59 4.07
CA THR A 72 -5.85 5.52 3.08
C THR A 72 -5.83 4.86 1.70
N ASP A 73 -5.46 3.58 1.64
CA ASP A 73 -5.48 2.87 0.37
C ASP A 73 -6.89 2.78 -0.22
N ARG A 74 -7.92 2.66 0.62
CA ARG A 74 -9.29 2.57 0.11
C ARG A 74 -9.69 3.84 -0.62
N VAL A 75 -9.34 5.01 -0.08
CA VAL A 75 -9.58 6.24 -0.81
C VAL A 75 -8.75 6.27 -2.08
N SER A 76 -7.46 5.89 -1.99
CA SER A 76 -6.60 5.93 -3.16
C SER A 76 -7.16 5.07 -4.29
N LEU A 77 -7.62 3.86 -3.97
CA LEU A 77 -8.21 2.99 -5.00
C LEU A 77 -9.46 3.62 -5.62
N ARG A 78 -10.31 4.24 -4.79
CA ARG A 78 -11.48 4.95 -5.30
C ARG A 78 -11.07 6.11 -6.21
N ASN A 79 -10.07 6.89 -5.80
CA ASN A 79 -9.57 7.94 -6.69
C ASN A 79 -9.09 7.36 -8.01
N LEU A 80 -8.35 6.24 -7.95
CA LEU A 80 -7.76 5.66 -9.16
C LEU A 80 -8.85 5.18 -10.12
N ARG A 81 -9.91 4.58 -9.59
CA ARG A 81 -11.08 4.26 -10.40
C ARG A 81 -11.61 5.52 -11.12
N GLY A 82 -11.74 6.63 -10.38
CA GLY A 82 -12.16 7.87 -11.02
C GLY A 82 -11.19 8.33 -12.10
N TYR A 83 -9.88 8.33 -11.79
CA TYR A 83 -8.89 8.82 -12.76
C TYR A 83 -8.95 8.03 -14.06
N TYR A 84 -9.16 6.73 -13.97
CA TYR A 84 -9.15 5.88 -15.16
C TYR A 84 -10.55 5.64 -15.67
N ASN A 85 -11.54 6.31 -15.09
CA ASN A 85 -12.94 6.12 -15.49
C ASN A 85 -13.29 4.63 -15.49
N GLN A 86 -13.05 3.98 -14.35
CA GLN A 86 -13.35 2.57 -14.18
C GLN A 86 -14.60 2.40 -13.36
N SER A 87 -15.40 1.39 -13.71
CA SER A 87 -16.59 1.07 -12.94
C SER A 87 -16.21 0.53 -11.57
N GLU A 88 -17.20 0.41 -10.71
CA GLU A 88 -16.97 -0.17 -9.40
C GLU A 88 -17.08 -1.68 -9.42
N ALA A 89 -17.15 -2.29 -10.61
CA ALA A 89 -17.35 -3.73 -10.71
C ALA A 89 -16.04 -4.52 -10.75
N GLY A 90 -14.93 -3.94 -11.19
CA GLY A 90 -13.69 -4.66 -11.29
C GLY A 90 -12.88 -4.67 -10.00
N SER A 91 -12.08 -5.72 -9.85
CA SER A 91 -11.05 -5.74 -8.82
C SER A 91 -9.83 -4.98 -9.28
N HIS A 92 -9.16 -4.30 -8.34
CA HIS A 92 -7.99 -3.50 -8.67
C HIS A 92 -6.97 -3.59 -7.54
N THR A 93 -5.71 -3.36 -7.92
CA THR A 93 -4.55 -3.61 -7.06
C THR A 93 -3.68 -2.36 -7.01
N LEU A 94 -3.41 -1.89 -5.80
CA LEU A 94 -2.44 -0.83 -5.53
C LEU A 94 -1.29 -1.42 -4.73
N GLN A 95 -0.09 -1.28 -5.25
CA GLN A 95 1.11 -1.74 -4.56
C GLN A 95 2.04 -0.58 -4.30
N TRP A 96 2.67 -0.61 -3.14
CA TRP A 96 3.58 0.43 -2.67
C TRP A 96 4.80 -0.28 -2.13
N MET A 97 5.97 0.13 -2.59
CA MET A 97 7.24 -0.36 -2.05
C MET A 97 8.07 0.84 -1.61
N CYS A 98 8.61 0.74 -0.40
CA CYS A 98 9.33 1.81 0.26
C CYS A 98 10.50 1.21 1.02
N GLY A 99 11.70 1.76 0.85
CA GLY A 99 12.82 1.30 1.65
C GLY A 99 14.14 1.97 1.32
N CYS A 100 15.18 1.36 1.90
CA CYS A 100 16.49 1.86 2.33
C CYS A 100 17.61 0.97 1.82
N ASP A 101 18.69 1.55 1.32
CA ASP A 101 19.95 0.82 1.16
C ASP A 101 21.02 1.56 1.93
N LEU A 102 21.82 0.82 2.70
CA LEU A 102 22.90 1.42 3.49
C LEU A 102 24.24 1.44 2.77
N GLY A 103 24.75 0.30 2.33
CA GLY A 103 26.10 0.22 1.82
C GLY A 103 27.14 0.13 2.94
N PRO A 104 28.45 -0.05 2.59
CA PRO A 104 29.46 -0.38 3.62
C PRO A 104 29.56 0.69 4.69
N ASP A 105 29.97 1.89 4.31
CA ASP A 105 29.69 3.07 5.12
C ASP A 105 28.17 3.15 5.25
N GLY A 106 27.67 3.04 6.46
CA GLY A 106 26.27 2.73 6.64
C GLY A 106 25.28 3.87 6.81
N ARG A 107 25.34 4.92 5.98
CA ARG A 107 24.24 5.87 5.85
C ARG A 107 23.52 5.61 4.54
N LEU A 108 22.47 6.39 4.26
CA LEU A 108 21.63 6.13 3.10
C LEU A 108 22.44 6.14 1.82
N LEU A 109 22.37 5.05 1.08
CA LEU A 109 22.94 4.91 -0.24
C LEU A 109 21.93 5.19 -1.34
N ARG A 110 20.71 4.66 -1.19
CA ARG A 110 19.63 4.81 -2.16
C ARG A 110 18.30 4.67 -1.43
N GLY A 111 17.37 5.57 -1.70
CA GLY A 111 16.00 5.44 -1.23
C GLY A 111 15.06 4.97 -2.31
N TYR A 112 13.96 4.36 -1.90
CA TYR A 112 12.96 3.83 -2.80
C TYR A 112 11.59 4.19 -2.26
N ASP A 113 10.71 4.66 -3.14
CA ASP A 113 9.34 4.98 -2.76
C ASP A 113 8.54 5.03 -4.06
N GLN A 114 7.78 3.97 -4.32
CA GLN A 114 7.23 3.85 -5.67
C GLN A 114 5.98 2.98 -5.65
N TYR A 115 5.14 3.16 -6.67
CA TYR A 115 3.81 2.57 -6.69
C TYR A 115 3.52 1.92 -8.02
N ALA A 116 2.68 0.89 -7.97
CA ALA A 116 2.08 0.30 -9.16
C ALA A 116 0.58 0.16 -8.99
N TYR A 117 -0.15 0.31 -10.09
CA TYR A 117 -1.59 0.09 -10.12
C TYR A 117 -1.89 -0.95 -11.19
N ASP A 118 -2.65 -1.97 -10.82
CA ASP A 118 -2.96 -3.10 -11.71
C ASP A 118 -1.71 -3.67 -12.40
N GLY A 119 -0.61 -3.75 -11.67
CA GLY A 119 0.61 -4.37 -12.17
C GLY A 119 1.50 -3.47 -13.00
N LYS A 120 1.17 -2.19 -13.12
CA LYS A 120 1.89 -1.23 -13.95
C LYS A 120 2.42 -0.11 -13.09
N ASP A 121 3.65 0.33 -13.40
CA ASP A 121 4.21 1.52 -12.77
C ASP A 121 3.19 2.65 -12.80
N TYR A 122 3.01 3.32 -11.65
CA TYR A 122 2.10 4.45 -11.56
C TYR A 122 2.86 5.74 -11.25
N ILE A 123 3.51 5.81 -10.10
CA ILE A 123 4.33 6.97 -9.76
C ILE A 123 5.48 6.51 -8.87
N ALA A 124 6.60 7.23 -8.96
CA ALA A 124 7.82 6.86 -8.27
C ALA A 124 8.55 8.10 -7.79
N LEU A 125 8.98 8.10 -6.54
CA LEU A 125 9.91 9.13 -6.10
C LEU A 125 11.26 8.90 -6.77
N ASN A 126 11.82 9.97 -7.33
CA ASN A 126 13.08 9.90 -8.03
C ASN A 126 14.26 9.82 -7.06
N GLU A 127 15.39 9.31 -7.60
CA GLU A 127 16.61 9.12 -6.83
C GLU A 127 17.00 10.36 -6.05
N ASP A 128 16.48 11.53 -6.42
CA ASP A 128 16.80 12.79 -5.75
C ASP A 128 15.97 13.04 -4.48
N LEU A 129 14.96 12.20 -4.22
CA LEU A 129 14.11 12.31 -3.03
C LEU A 129 13.45 13.68 -2.91
N ARG A 130 13.25 14.37 -4.04
CA ARG A 130 12.42 15.58 -4.03
C ARG A 130 11.43 15.68 -5.18
N SER A 131 11.59 14.95 -6.28
CA SER A 131 10.70 15.05 -7.42
C SER A 131 10.18 13.66 -7.80
N TRP A 132 9.06 13.66 -8.54
CA TRP A 132 8.32 12.45 -8.88
C TRP A 132 8.36 12.18 -10.38
N THR A 133 8.20 10.91 -10.74
CA THR A 133 8.02 10.49 -12.13
C THR A 133 6.65 9.83 -12.25
N ALA A 134 5.77 10.43 -13.06
CA ALA A 134 4.45 9.88 -13.28
C ALA A 134 4.51 9.07 -14.55
N ALA A 135 3.85 7.91 -14.55
CA ALA A 135 3.93 7.02 -15.70
C ALA A 135 2.91 7.35 -16.79
N ASP A 136 1.78 7.94 -16.42
CA ASP A 136 0.68 8.26 -17.34
C ASP A 136 0.00 9.53 -16.81
N THR A 137 -1.01 10.01 -17.56
CA THR A 137 -1.69 11.27 -17.21
C THR A 137 -2.54 11.15 -15.94
N ALA A 138 -3.01 9.97 -15.58
CA ALA A 138 -3.68 9.80 -14.30
C ALA A 138 -2.72 10.05 -13.15
N ALA A 139 -1.52 9.46 -13.20
CA ALA A 139 -0.55 9.71 -12.14
C ALA A 139 -0.06 11.14 -12.13
N GLN A 140 -0.30 11.91 -13.20
CA GLN A 140 0.05 13.33 -13.14
C GLN A 140 -0.87 14.08 -12.19
N ILE A 141 -2.11 13.62 -11.99
CA ILE A 141 -2.98 14.20 -10.97
C ILE A 141 -2.41 13.96 -9.58
N THR A 142 -2.04 12.70 -9.30
CA THR A 142 -1.39 12.39 -8.04
C THR A 142 -0.13 13.22 -7.83
N GLN A 143 0.70 13.35 -8.88
CA GLN A 143 1.89 14.18 -8.78
C GLN A 143 1.55 15.61 -8.39
N ARG A 144 0.59 16.21 -9.11
CA ARG A 144 0.14 17.56 -8.76
C ARG A 144 -0.37 17.65 -7.32
N LYS A 145 -1.14 16.66 -6.85
CA LYS A 145 -1.57 16.72 -5.45
C LYS A 145 -0.38 16.60 -4.49
N TRP A 146 0.59 15.73 -4.81
CA TRP A 146 1.71 15.48 -3.91
C TRP A 146 2.72 16.64 -3.92
N GLU A 147 2.86 17.35 -5.03
CA GLU A 147 3.63 18.58 -5.02
C GLU A 147 2.93 19.64 -4.17
N ALA A 148 1.62 19.76 -4.28
CA ALA A 148 0.90 20.73 -3.44
C ALA A 148 0.96 20.36 -1.96
N ALA A 149 0.99 19.07 -1.64
CA ALA A 149 1.08 18.64 -0.26
C ALA A 149 2.51 18.61 0.28
N ARG A 150 3.51 18.83 -0.57
CA ARG A 150 4.91 18.71 -0.17
C ARG A 150 5.22 17.32 0.38
N GLU A 151 4.65 16.29 -0.28
CA GLU A 151 4.80 14.90 0.17
C GLU A 151 6.25 14.45 0.10
N ALA A 152 6.96 14.80 -0.98
CA ALA A 152 8.33 14.34 -1.17
C ALA A 152 9.21 14.65 0.05
N GLU A 153 8.91 15.74 0.77
CA GLU A 153 9.70 16.09 1.94
C GLU A 153 9.44 15.17 3.13
N GLN A 154 8.25 14.56 3.18
CA GLN A 154 7.98 13.57 4.21
C GLN A 154 8.63 12.25 3.87
N ARG A 155 8.49 11.81 2.62
CA ARG A 155 9.14 10.58 2.21
C ARG A 155 10.64 10.69 2.44
N ARG A 156 11.20 11.84 2.12
CA ARG A 156 12.64 12.02 2.19
C ARG A 156 13.13 11.99 3.63
N ALA A 157 12.40 12.62 4.54
CA ALA A 157 12.84 12.56 5.93
C ALA A 157 12.73 11.15 6.46
N TYR A 158 11.71 10.39 6.04
CA TYR A 158 11.65 8.99 6.41
C TYR A 158 12.85 8.21 5.87
N LEU A 159 13.12 8.33 4.56
CA LEU A 159 14.18 7.56 3.95
C LEU A 159 15.56 7.90 4.52
N GLU A 160 15.84 9.19 4.76
CA GLU A 160 17.16 9.56 5.22
C GLU A 160 17.34 9.42 6.72
N GLY A 161 16.26 9.41 7.48
CA GLY A 161 16.38 9.41 8.93
C GLY A 161 15.86 8.12 9.52
N THR A 162 14.55 8.10 9.74
CA THR A 162 13.86 6.94 10.31
C THR A 162 14.30 5.63 9.68
N CYS A 163 14.21 5.54 8.35
CA CYS A 163 14.47 4.25 7.72
C CYS A 163 15.90 3.80 8.00
N VAL A 164 16.86 4.71 7.91
CA VAL A 164 18.26 4.37 8.14
C VAL A 164 18.52 4.10 9.62
N GLU A 165 17.88 4.87 10.50
CA GLU A 165 18.21 4.72 11.93
C GLU A 165 17.68 3.40 12.46
N TRP A 166 16.49 3.01 12.05
CA TRP A 166 15.91 1.79 12.56
C TRP A 166 16.53 0.56 11.91
N LEU A 167 16.93 0.66 10.64
CA LEU A 167 17.68 -0.45 10.04
C LEU A 167 18.96 -0.72 10.80
N ARG A 168 19.68 0.33 11.18
CA ARG A 168 20.91 0.14 11.95
C ARG A 168 20.61 -0.52 13.29
N ARG A 169 19.50 -0.15 13.92
CA ARG A 169 19.11 -0.76 15.19
C ARG A 169 18.74 -2.22 15.01
N TYR A 170 17.95 -2.54 13.98
CA TYR A 170 17.62 -3.94 13.70
C TYR A 170 18.89 -4.75 13.38
N LEU A 171 19.84 -4.15 12.65
CA LEU A 171 21.06 -4.91 12.37
C LEU A 171 21.83 -5.21 13.64
N GLU A 172 21.74 -4.34 14.66
CA GLU A 172 22.49 -4.56 15.88
C GLU A 172 21.82 -5.60 16.77
N ASN A 173 20.52 -5.44 17.02
CA ASN A 173 19.78 -6.40 17.83
C ASN A 173 19.71 -7.77 17.18
N GLY A 174 19.71 -7.83 15.86
CA GLY A 174 19.67 -9.10 15.16
C GLY A 174 21.01 -9.45 14.52
N LYS A 175 22.10 -8.84 14.98
CA LYS A 175 23.40 -9.10 14.37
C LYS A 175 23.74 -10.59 14.39
N GLU A 176 23.26 -11.33 15.41
CA GLU A 176 23.59 -12.74 15.51
C GLU A 176 23.04 -13.55 14.34
N THR A 177 22.03 -13.07 13.64
CA THR A 177 21.59 -13.78 12.43
C THR A 177 21.64 -12.93 11.18
N LEU A 178 21.30 -11.65 11.27
CA LEU A 178 21.32 -10.78 10.09
C LEU A 178 22.72 -10.55 9.59
N GLN A 179 23.71 -10.59 10.48
CA GLN A 179 25.08 -10.29 10.09
C GLN A 179 26.00 -11.48 10.27
N ARG A 180 25.47 -12.71 10.41
CA ARG A 180 26.27 -13.94 10.39
C ARG A 180 25.74 -14.76 9.23
N ALA A 181 26.42 -14.71 8.09
CA ALA A 181 25.96 -15.45 6.93
C ALA A 181 25.99 -16.95 7.20
N GLU A 182 24.95 -17.64 6.77
CA GLU A 182 24.80 -19.10 6.95
C GLU A 182 25.19 -19.73 5.64
N HIS A 183 26.22 -20.54 5.66
CA HIS A 183 26.83 -21.06 4.45
C HIS A 183 26.00 -22.19 3.85
N PRO A 184 26.08 -22.40 2.55
CA PRO A 184 25.33 -23.50 1.93
C PRO A 184 25.95 -24.86 2.28
N LYS A 185 25.09 -25.85 2.46
CA LYS A 185 25.51 -27.24 2.45
C LYS A 185 25.40 -27.74 1.02
N THR A 186 26.49 -28.29 0.50
CA THR A 186 26.60 -28.57 -0.91
C THR A 186 26.87 -30.04 -1.17
N HIS A 187 26.33 -30.54 -2.28
CA HIS A 187 26.67 -31.86 -2.75
C HIS A 187 26.30 -31.95 -4.23
N VAL A 188 26.94 -32.89 -4.92
CA VAL A 188 26.67 -33.15 -6.33
C VAL A 188 26.00 -34.52 -6.45
N THR A 189 24.89 -34.57 -7.17
CA THR A 189 24.21 -35.82 -7.46
C THR A 189 24.31 -36.14 -8.94
N HIS A 190 23.99 -37.38 -9.27
CA HIS A 190 24.30 -37.93 -10.58
C HIS A 190 23.11 -38.75 -11.05
N HIS A 191 22.48 -38.33 -12.13
CA HIS A 191 21.27 -38.96 -12.66
C HIS A 191 21.49 -39.43 -14.08
N PRO A 192 21.67 -40.73 -14.32
CA PRO A 192 21.87 -41.22 -15.68
C PRO A 192 20.71 -40.82 -16.59
N VAL A 193 21.05 -40.25 -17.74
CA VAL A 193 20.07 -39.83 -18.74
C VAL A 193 19.95 -40.92 -19.79
N SER A 194 21.03 -41.68 -19.96
CA SER A 194 21.06 -42.76 -20.97
C SER A 194 22.23 -43.66 -20.61
N ASP A 195 22.81 -44.29 -21.62
CA ASP A 195 24.06 -44.98 -21.33
C ASP A 195 25.27 -44.11 -21.64
N HIS A 196 25.08 -43.10 -22.50
CA HIS A 196 26.16 -42.25 -22.97
C HIS A 196 26.16 -40.89 -22.30
N GLU A 197 25.26 -40.65 -21.35
CA GLU A 197 25.18 -39.32 -20.75
C GLU A 197 24.48 -39.39 -19.41
N ALA A 198 24.86 -38.46 -18.54
CA ALA A 198 24.21 -38.35 -17.24
C ALA A 198 24.12 -36.87 -16.88
N THR A 199 23.22 -36.57 -15.95
CA THR A 199 23.03 -35.23 -15.42
C THR A 199 23.77 -35.11 -14.08
N LEU A 200 24.71 -34.16 -14.01
CA LEU A 200 25.32 -33.76 -12.75
C LEU A 200 24.53 -32.59 -12.20
N ARG A 201 24.02 -32.71 -10.98
CA ARG A 201 23.29 -31.63 -10.33
C ARG A 201 24.06 -31.19 -9.11
N CYS A 202 24.52 -29.94 -9.12
CA CYS A 202 25.17 -29.29 -7.99
C CYS A 202 24.13 -28.58 -7.14
N TRP A 203 24.12 -28.89 -5.84
CA TRP A 203 23.10 -28.42 -4.90
C TRP A 203 23.70 -27.48 -3.85
N ALA A 204 23.03 -26.35 -3.61
CA ALA A 204 23.30 -25.50 -2.45
C ALA A 204 22.03 -25.40 -1.60
N LEU A 205 22.13 -25.78 -0.34
CA LEU A 205 20.97 -25.86 0.55
C LEU A 205 21.23 -25.14 1.85
N GLY A 206 20.17 -24.57 2.40
CA GLY A 206 20.22 -23.93 3.71
C GLY A 206 21.17 -22.76 3.86
N PHE A 207 21.24 -21.87 2.86
CA PHE A 207 22.11 -20.70 2.95
C PHE A 207 21.28 -19.43 3.17
N TYR A 208 21.83 -18.46 3.90
CA TYR A 208 20.83 -17.47 4.26
C TYR A 208 20.87 -16.29 3.32
N PRO A 209 21.95 -15.49 3.26
CA PRO A 209 21.91 -14.41 2.27
C PRO A 209 21.62 -15.09 0.95
N ALA A 210 20.48 -14.74 0.36
CA ALA A 210 19.99 -15.50 -0.78
C ALA A 210 20.91 -15.37 -1.99
N GLU A 211 21.69 -14.30 -2.07
CA GLU A 211 22.65 -14.14 -3.15
C GLU A 211 23.66 -15.29 -3.14
N ILE A 212 23.91 -15.88 -4.30
CA ILE A 212 24.80 -17.02 -4.47
C ILE A 212 25.12 -17.22 -5.94
N THR A 213 26.27 -17.80 -6.26
CA THR A 213 26.60 -18.14 -7.64
C THR A 213 27.09 -19.58 -7.70
N LEU A 214 26.45 -20.38 -8.55
CA LEU A 214 26.85 -21.74 -8.85
C LEU A 214 27.27 -21.80 -10.31
N THR A 215 28.53 -22.15 -10.56
CA THR A 215 29.08 -22.23 -11.90
C THR A 215 29.64 -23.63 -12.10
N TRP A 216 29.18 -24.32 -13.14
CA TRP A 216 29.84 -25.56 -13.51
C TRP A 216 31.01 -25.23 -14.42
N GLN A 217 32.12 -25.91 -14.21
CA GLN A 217 33.30 -25.71 -15.04
C GLN A 217 33.75 -27.05 -15.61
N TRP A 218 34.33 -26.99 -16.79
CA TRP A 218 34.96 -28.14 -17.44
C TRP A 218 36.42 -27.76 -17.62
N ASP A 219 37.30 -28.52 -16.96
CA ASP A 219 38.73 -28.22 -16.95
C ASP A 219 38.98 -26.75 -16.61
N GLY A 220 38.24 -26.22 -15.63
CA GLY A 220 38.39 -24.86 -15.17
C GLY A 220 37.60 -23.82 -15.96
N GLU A 221 37.12 -24.17 -17.14
CA GLU A 221 36.45 -23.22 -18.02
C GLU A 221 34.96 -23.16 -17.74
N ASP A 222 34.44 -21.95 -17.58
CA ASP A 222 33.02 -21.77 -17.30
C ASP A 222 32.16 -22.40 -18.38
N GLN A 223 31.21 -23.23 -17.95
CA GLN A 223 30.24 -23.87 -18.82
C GLN A 223 28.96 -23.03 -18.89
N THR A 224 29.09 -21.82 -19.47
CA THR A 224 27.94 -20.92 -19.65
C THR A 224 26.79 -21.63 -20.34
N GLN A 225 26.97 -22.03 -21.59
CA GLN A 225 26.01 -22.85 -22.29
C GLN A 225 25.78 -24.17 -21.55
N ASP A 226 24.65 -24.80 -21.80
CA ASP A 226 24.40 -26.20 -21.41
C ASP A 226 24.29 -26.39 -19.88
N THR A 227 24.14 -25.31 -19.12
CA THR A 227 23.97 -25.39 -17.68
C THR A 227 22.56 -24.93 -17.35
N GLU A 228 21.74 -25.86 -16.84
CA GLU A 228 20.41 -25.51 -16.35
C GLU A 228 20.50 -25.12 -14.89
N LEU A 229 19.82 -24.04 -14.54
CA LEU A 229 19.96 -23.33 -13.28
C LEU A 229 18.56 -22.96 -12.84
N VAL A 230 18.21 -23.22 -11.58
CA VAL A 230 16.88 -22.88 -11.11
C VAL A 230 16.94 -21.58 -10.33
N GLU A 231 15.78 -20.92 -10.23
CA GLU A 231 15.64 -19.73 -9.41
C GLU A 231 15.82 -20.08 -7.95
N THR A 232 16.60 -19.27 -7.25
CA THR A 232 16.75 -19.39 -5.81
C THR A 232 15.38 -19.41 -5.14
N ARG A 233 15.17 -20.39 -4.26
CA ARG A 233 13.85 -20.60 -3.70
C ARG A 233 13.93 -20.68 -2.17
N PRO A 234 12.87 -20.28 -1.47
CA PRO A 234 12.91 -20.32 0.00
C PRO A 234 12.71 -21.75 0.51
N ALA A 235 13.54 -22.15 1.48
CA ALA A 235 13.38 -23.46 2.07
C ALA A 235 12.19 -23.53 3.00
N GLY A 236 11.73 -22.39 3.50
CA GLY A 236 10.62 -22.34 4.43
C GLY A 236 11.02 -22.03 5.85
N ASP A 237 12.32 -22.07 6.16
CA ASP A 237 12.83 -21.80 7.50
C ASP A 237 13.68 -20.54 7.57
N GLY A 238 13.66 -19.70 6.53
CA GLY A 238 14.51 -18.53 6.46
C GLY A 238 15.75 -18.69 5.59
N THR A 239 16.11 -19.93 5.25
CA THR A 239 17.24 -20.20 4.38
C THR A 239 16.74 -20.46 2.96
N PHE A 240 17.68 -20.63 2.04
CA PHE A 240 17.38 -20.70 0.63
C PHE A 240 18.05 -21.92 0.00
N GLN A 241 17.54 -22.29 -1.17
CA GLN A 241 18.04 -23.41 -1.94
C GLN A 241 18.31 -22.98 -3.38
N LYS A 242 19.21 -23.70 -4.03
CA LYS A 242 19.49 -23.47 -5.45
C LYS A 242 20.28 -24.66 -5.96
N TRP A 243 19.99 -25.09 -7.18
CA TRP A 243 20.83 -26.07 -7.82
C TRP A 243 21.14 -25.64 -9.25
N ALA A 244 22.24 -26.17 -9.76
CA ALA A 244 22.72 -25.96 -11.12
C ALA A 244 23.12 -27.32 -11.67
N ALA A 245 22.70 -27.63 -12.89
CA ALA A 245 22.91 -28.94 -13.46
C ALA A 245 23.54 -28.83 -14.84
N VAL A 246 24.20 -29.91 -15.26
CA VAL A 246 24.91 -29.95 -16.53
C VAL A 246 24.91 -31.37 -17.07
N MET A 247 24.77 -31.49 -18.39
CA MET A 247 24.69 -32.76 -19.09
C MET A 247 26.08 -33.14 -19.56
N VAL A 248 26.61 -34.25 -19.05
CA VAL A 248 27.98 -34.63 -19.35
C VAL A 248 28.05 -36.03 -19.95
N PRO A 249 29.02 -36.29 -20.83
CA PRO A 249 29.23 -37.67 -21.33
C PRO A 249 29.72 -38.57 -20.21
N SER A 250 29.01 -39.66 -19.98
CA SER A 250 29.40 -40.56 -18.89
C SER A 250 30.83 -41.01 -19.11
N GLY A 251 31.63 -40.98 -18.04
CA GLY A 251 33.05 -41.22 -18.16
C GLY A 251 33.88 -39.99 -17.90
N GLU A 252 33.41 -38.82 -18.35
CA GLU A 252 34.15 -37.58 -18.18
C GLU A 252 33.66 -36.77 -16.97
N GLU A 253 32.94 -37.43 -16.05
CA GLU A 253 32.34 -36.72 -14.93
C GLU A 253 33.36 -35.95 -14.09
N GLN A 254 34.53 -36.53 -13.87
CA GLN A 254 35.42 -35.95 -12.88
C GLN A 254 36.28 -34.80 -13.42
N ARG A 255 36.17 -34.45 -14.70
CA ARG A 255 36.74 -33.18 -15.13
C ARG A 255 35.73 -32.05 -15.09
N TYR A 256 34.59 -32.27 -14.42
CA TYR A 256 33.62 -31.22 -14.17
C TYR A 256 33.70 -30.78 -12.71
N THR A 257 33.62 -29.48 -12.49
CA THR A 257 33.65 -28.95 -11.13
C THR A 257 32.54 -27.93 -10.98
N CYS A 258 32.02 -27.86 -9.76
CA CYS A 258 31.05 -26.87 -9.35
C CYS A 258 31.73 -25.83 -8.47
N HIS A 259 31.59 -24.58 -8.85
CA HIS A 259 32.16 -23.44 -8.13
C HIS A 259 31.02 -22.75 -7.39
N VAL A 260 31.11 -22.73 -6.06
CA VAL A 260 30.09 -22.10 -5.23
C VAL A 260 30.68 -20.83 -4.63
N GLN A 261 30.00 -19.71 -4.86
CA GLN A 261 30.38 -18.43 -4.27
C GLN A 261 29.27 -17.96 -3.33
N HIS A 262 29.62 -17.68 -2.08
CA HIS A 262 28.61 -17.28 -1.11
C HIS A 262 29.25 -16.56 0.06
N GLU A 263 28.51 -15.57 0.58
CA GLU A 263 29.03 -14.67 1.59
C GLU A 263 29.44 -15.42 2.84
N GLY A 264 28.82 -16.56 3.12
CA GLY A 264 29.15 -17.39 4.26
C GLY A 264 30.29 -18.35 4.06
N LEU A 265 30.99 -18.29 2.92
CA LEU A 265 32.20 -19.07 2.69
C LEU A 265 33.40 -18.15 2.67
N PRO A 266 34.41 -18.37 3.51
CA PRO A 266 35.65 -17.58 3.42
C PRO A 266 36.23 -17.56 2.01
N GLU A 267 36.42 -18.74 1.42
CA GLU A 267 36.83 -18.89 0.04
C GLU A 267 35.72 -19.57 -0.74
N PRO A 268 35.57 -19.26 -2.03
CA PRO A 268 34.61 -20.03 -2.84
C PRO A 268 34.96 -21.52 -2.82
N LEU A 269 33.92 -22.33 -3.01
CA LEU A 269 34.04 -23.77 -2.94
C LEU A 269 34.12 -24.37 -4.34
N THR A 270 35.02 -25.32 -4.50
CA THR A 270 35.09 -26.15 -5.69
C THR A 270 34.75 -27.57 -5.28
N LEU A 271 33.77 -28.19 -5.95
CA LEU A 271 33.40 -29.54 -5.59
C LEU A 271 33.11 -30.36 -6.84
N ARG A 272 33.10 -31.68 -6.65
CA ARG A 272 33.05 -32.64 -7.74
C ARG A 272 32.21 -33.84 -7.30
N TRP A 273 31.74 -34.60 -8.29
CA TRP A 273 30.98 -35.83 -8.05
C TRP A 273 31.88 -37.03 -7.69
N MET B 1 -4.40 -5.03 -15.43
CA MET B 1 -4.09 -4.27 -16.62
C MET B 1 -2.87 -4.89 -17.29
N ILE B 2 -1.84 -5.29 -16.52
CA ILE B 2 -0.85 -6.28 -16.98
C ILE B 2 -0.94 -7.53 -16.09
N GLN B 3 -1.04 -8.71 -16.70
CA GLN B 3 -1.09 -9.96 -15.95
C GLN B 3 0.12 -10.82 -16.31
N ARG B 4 0.60 -11.60 -15.35
CA ARG B 4 1.79 -12.45 -15.51
C ARG B 4 1.50 -13.83 -14.92
N THR B 5 1.88 -14.92 -15.62
CA THR B 5 1.51 -16.24 -15.05
C THR B 5 2.52 -16.69 -14.00
N PRO B 6 2.12 -17.51 -13.03
CA PRO B 6 3.11 -17.89 -12.01
C PRO B 6 4.15 -18.84 -12.56
N LYS B 7 5.38 -18.70 -12.08
CA LYS B 7 6.31 -19.81 -12.07
C LYS B 7 6.03 -20.68 -10.85
N ILE B 8 6.31 -21.98 -10.97
CA ILE B 8 6.00 -22.97 -9.94
C ILE B 8 7.22 -23.85 -9.70
N GLN B 9 7.55 -24.09 -8.43
CA GLN B 9 8.53 -25.12 -8.05
C GLN B 9 7.95 -25.93 -6.92
N VAL B 10 7.88 -27.25 -7.08
CA VAL B 10 7.54 -28.16 -6.00
C VAL B 10 8.83 -28.83 -5.52
N TYR B 11 9.05 -28.82 -4.21
CA TYR B 11 10.30 -29.36 -3.64
C TYR B 11 10.11 -29.47 -2.14
N SER B 12 11.08 -30.11 -1.48
CA SER B 12 11.02 -30.31 -0.04
C SER B 12 12.06 -29.44 0.67
N ARG B 13 11.74 -29.07 1.91
CA ARG B 13 12.65 -28.22 2.68
C ARG B 13 13.98 -28.92 2.93
N HIS B 14 13.93 -30.18 3.34
CA HIS B 14 15.12 -30.97 3.55
C HIS B 14 15.18 -32.09 2.52
N PRO B 15 16.37 -32.61 2.20
CA PRO B 15 16.45 -33.69 1.21
C PRO B 15 15.60 -34.88 1.62
N ALA B 16 14.93 -35.48 0.65
CA ALA B 16 13.93 -36.49 0.99
C ALA B 16 14.56 -37.74 1.57
N GLU B 17 13.91 -38.27 2.60
CA GLU B 17 14.21 -39.60 3.12
C GLU B 17 12.90 -40.26 3.53
N ASN B 18 12.48 -41.28 2.78
CA ASN B 18 11.22 -41.95 3.09
C ASN B 18 11.18 -42.36 4.55
N GLY B 19 10.12 -41.99 5.24
CA GLY B 19 10.00 -42.28 6.67
C GLY B 19 10.24 -41.07 7.54
N LYS B 20 11.16 -40.18 7.16
CA LYS B 20 11.48 -38.99 7.94
C LYS B 20 10.54 -37.85 7.56
N SER B 21 9.75 -37.38 8.53
CA SER B 21 8.88 -36.25 8.29
C SER B 21 9.67 -35.05 7.76
N ASN B 22 9.02 -34.27 6.91
CA ASN B 22 9.69 -33.21 6.15
C ASN B 22 8.65 -32.14 5.82
N PHE B 23 9.00 -31.24 4.91
CA PHE B 23 8.06 -30.20 4.50
C PHE B 23 7.98 -30.17 2.99
N LEU B 24 6.76 -30.23 2.47
CA LEU B 24 6.54 -30.15 1.04
C LEU B 24 6.21 -28.71 0.68
N ASN B 25 7.02 -28.11 -0.19
CA ASN B 25 6.87 -26.72 -0.60
C ASN B 25 6.34 -26.61 -2.02
N CYS B 26 5.48 -25.62 -2.22
CA CYS B 26 5.10 -25.13 -3.54
C CYS B 26 5.37 -23.64 -3.56
N TYR B 27 6.36 -23.22 -4.36
CA TYR B 27 6.76 -21.83 -4.48
C TYR B 27 6.19 -21.25 -5.78
N VAL B 28 5.26 -20.31 -5.65
CA VAL B 28 4.68 -19.61 -6.80
C VAL B 28 5.23 -18.19 -6.79
N SER B 29 5.80 -17.78 -7.92
CA SER B 29 6.35 -16.43 -8.01
C SER B 29 6.08 -15.87 -9.39
N GLY B 30 6.39 -14.58 -9.56
CA GLY B 30 6.30 -13.95 -10.86
C GLY B 30 4.90 -13.69 -11.40
N PHE B 31 3.87 -13.83 -10.58
CA PHE B 31 2.47 -13.70 -11.08
C PHE B 31 1.88 -12.33 -10.77
N HIS B 32 1.00 -11.80 -11.60
CA HIS B 32 0.53 -10.45 -11.23
C HIS B 32 -0.78 -10.35 -10.51
N PRO B 33 -1.94 -10.76 -11.01
CA PRO B 33 -3.09 -10.67 -10.16
C PRO B 33 -2.76 -11.59 -8.98
N SER B 34 -2.73 -11.04 -7.79
CA SER B 34 -2.37 -11.84 -6.60
C SER B 34 -3.42 -12.90 -6.32
N ASP B 35 -4.61 -12.74 -6.85
CA ASP B 35 -5.61 -13.77 -6.62
C ASP B 35 -5.15 -15.06 -7.28
N ILE B 36 -4.86 -16.08 -6.47
CA ILE B 36 -4.30 -17.33 -6.96
C ILE B 36 -4.81 -18.47 -6.09
N GLU B 37 -5.00 -19.64 -6.69
CA GLU B 37 -5.43 -20.83 -5.99
C GLU B 37 -4.31 -21.86 -6.06
N VAL B 38 -3.83 -22.30 -4.90
CA VAL B 38 -2.72 -23.24 -4.81
C VAL B 38 -3.12 -24.37 -3.87
N ASP B 39 -3.10 -25.59 -4.36
CA ASP B 39 -3.37 -26.76 -3.53
C ASP B 39 -2.21 -27.73 -3.64
N LEU B 40 -1.86 -28.33 -2.51
CA LEU B 40 -0.94 -29.47 -2.51
C LEU B 40 -1.76 -30.76 -2.55
N LEU B 41 -1.27 -31.75 -3.29
CA LEU B 41 -1.97 -33.02 -3.48
C LEU B 41 -1.13 -34.18 -2.98
N LYS B 42 -1.82 -35.21 -2.48
CA LYS B 42 -1.22 -36.51 -2.17
C LYS B 42 -2.07 -37.56 -2.87
N ASN B 43 -1.47 -38.24 -3.85
CA ASN B 43 -2.19 -39.23 -4.66
C ASN B 43 -3.44 -38.63 -5.30
N GLY B 44 -3.33 -37.40 -5.79
CA GLY B 44 -4.41 -36.73 -6.48
C GLY B 44 -5.43 -36.04 -5.58
N GLU B 45 -5.38 -36.25 -4.27
CA GLU B 45 -6.36 -35.68 -3.37
C GLU B 45 -5.76 -34.48 -2.66
N ARG B 46 -6.60 -33.49 -2.39
CA ARG B 46 -6.18 -32.22 -1.74
C ARG B 46 -5.75 -32.45 -0.31
N ILE B 47 -4.63 -31.88 0.07
CA ILE B 47 -4.19 -31.98 1.49
C ILE B 47 -4.79 -30.80 2.23
N GLU B 48 -5.49 -31.01 3.34
CA GLU B 48 -6.00 -29.82 4.07
C GLU B 48 -4.93 -29.38 5.05
N LYS B 49 -5.15 -28.23 5.66
CA LYS B 49 -4.18 -27.61 6.57
C LYS B 49 -2.89 -27.34 5.80
N VAL B 50 -2.98 -26.69 4.66
CA VAL B 50 -1.72 -26.24 4.01
C VAL B 50 -1.60 -24.77 4.39
N GLU B 51 -0.41 -24.34 4.71
CA GLU B 51 -0.22 -22.94 5.10
C GLU B 51 0.57 -22.18 4.04
N HIS B 52 0.64 -20.87 4.14
CA HIS B 52 1.38 -20.12 3.15
C HIS B 52 1.96 -18.86 3.78
N SER B 53 3.00 -18.34 3.13
CA SER B 53 3.68 -17.13 3.54
C SER B 53 2.75 -15.92 3.36
N ASP B 54 3.22 -14.75 3.82
CA ASP B 54 2.49 -13.51 3.64
C ASP B 54 2.83 -12.92 2.28
N LEU B 55 1.82 -12.37 1.63
CA LEU B 55 1.96 -11.93 0.25
C LEU B 55 3.00 -10.80 0.17
N SER B 56 3.95 -10.95 -0.74
CA SER B 56 4.92 -9.90 -1.01
C SER B 56 5.16 -9.93 -2.50
N PHE B 57 6.07 -9.07 -3.00
CA PHE B 57 6.26 -8.96 -4.45
C PHE B 57 7.68 -8.52 -4.75
N SER B 58 8.06 -8.64 -6.04
CA SER B 58 9.41 -8.37 -6.50
C SER B 58 9.55 -6.99 -7.14
N LYS B 59 10.74 -6.75 -7.70
CA LYS B 59 11.05 -5.51 -8.38
C LYS B 59 10.09 -5.22 -9.54
N ASP B 60 9.69 -6.24 -10.30
CA ASP B 60 8.76 -6.01 -11.41
C ASP B 60 7.29 -5.96 -10.94
N TRP B 61 7.05 -5.98 -9.63
CA TRP B 61 5.75 -5.90 -8.96
C TRP B 61 5.03 -7.25 -8.94
N SER B 62 5.59 -8.30 -9.56
CA SER B 62 5.01 -9.63 -9.48
C SER B 62 5.12 -10.20 -8.08
N PHE B 63 4.13 -11.01 -7.72
CA PHE B 63 3.93 -11.56 -6.38
C PHE B 63 4.62 -12.91 -6.20
N TYR B 64 4.92 -13.25 -4.94
CA TYR B 64 5.44 -14.58 -4.61
C TYR B 64 4.86 -15.10 -3.30
N LEU B 65 4.54 -16.39 -3.29
CA LEU B 65 3.92 -17.07 -2.17
C LEU B 65 4.55 -18.45 -2.01
N LEU B 66 4.85 -18.82 -0.78
CA LEU B 66 5.31 -20.17 -0.50
C LEU B 66 4.17 -20.93 0.15
N TYR B 67 3.72 -22.01 -0.47
CA TYR B 67 2.76 -22.92 0.15
C TYR B 67 3.47 -24.17 0.62
N TYR B 68 3.12 -24.64 1.81
CA TYR B 68 3.87 -25.74 2.38
C TYR B 68 3.02 -26.50 3.37
N THR B 69 3.40 -27.75 3.59
CA THR B 69 2.71 -28.59 4.55
C THR B 69 3.70 -29.62 5.08
N GLU B 70 3.47 -30.05 6.31
CA GLU B 70 4.26 -31.16 6.84
C GLU B 70 3.81 -32.44 6.17
N PHE B 71 4.77 -33.23 5.70
CA PHE B 71 4.49 -34.54 5.13
C PHE B 71 5.65 -35.48 5.44
N THR B 72 5.40 -36.77 5.31
CA THR B 72 6.47 -37.76 5.43
C THR B 72 6.57 -38.51 4.10
N PRO B 73 7.61 -38.25 3.30
CA PRO B 73 7.67 -38.85 1.97
C PRO B 73 7.78 -40.35 2.05
N THR B 74 7.23 -41.02 1.04
CA THR B 74 7.32 -42.47 0.95
C THR B 74 7.65 -42.84 -0.49
N GLU B 75 7.62 -44.14 -0.78
CA GLU B 75 7.92 -44.56 -2.15
C GLU B 75 6.67 -44.57 -3.02
N LYS B 76 5.56 -45.09 -2.47
CA LYS B 76 4.33 -45.20 -3.27
C LYS B 76 3.62 -43.86 -3.48
N ASP B 77 3.60 -42.98 -2.49
CA ASP B 77 2.71 -41.82 -2.57
C ASP B 77 3.29 -40.74 -3.49
N GLU B 78 2.42 -40.19 -4.33
CA GLU B 78 2.76 -39.12 -5.27
C GLU B 78 2.25 -37.79 -4.73
N TYR B 79 3.10 -36.77 -4.77
CA TYR B 79 2.73 -35.44 -4.30
C TYR B 79 2.81 -34.45 -5.45
N ALA B 80 1.93 -33.45 -5.41
CA ALA B 80 1.83 -32.48 -6.50
C ALA B 80 1.39 -31.15 -5.94
N CYS B 81 1.56 -30.13 -6.77
CA CYS B 81 1.03 -28.80 -6.53
C CYS B 81 0.10 -28.44 -7.69
N ARG B 82 -1.14 -28.06 -7.36
CA ARG B 82 -2.12 -27.64 -8.35
C ARG B 82 -2.35 -26.14 -8.21
N VAL B 83 -2.13 -25.39 -9.29
CA VAL B 83 -2.21 -23.93 -9.29
C VAL B 83 -3.21 -23.46 -10.33
N ASN B 84 -4.07 -22.52 -9.93
CA ASN B 84 -5.01 -21.87 -10.83
C ASN B 84 -4.87 -20.36 -10.72
N HIS B 85 -4.94 -19.70 -11.87
CA HIS B 85 -4.70 -18.26 -11.96
C HIS B 85 -5.35 -17.78 -13.26
N VAL B 86 -5.77 -16.50 -13.28
CA VAL B 86 -6.59 -15.98 -14.40
C VAL B 86 -5.87 -16.14 -15.73
N THR B 87 -4.57 -16.22 -15.67
CA THR B 87 -3.59 -16.33 -16.71
C THR B 87 -3.40 -17.78 -17.22
N LEU B 88 -4.05 -18.76 -16.59
CA LEU B 88 -3.90 -20.17 -16.94
C LEU B 88 -5.18 -20.65 -17.62
N SER B 89 -5.04 -21.22 -18.81
CA SER B 89 -6.22 -21.76 -19.49
C SER B 89 -6.80 -22.96 -18.76
N GLN B 90 -6.01 -23.61 -17.90
CA GLN B 90 -6.48 -24.67 -17.03
C GLN B 90 -5.50 -24.80 -15.87
N PRO B 91 -5.90 -25.44 -14.78
CA PRO B 91 -5.01 -25.55 -13.64
C PRO B 91 -3.74 -26.31 -14.00
N LYS B 92 -2.62 -25.85 -13.48
CA LYS B 92 -1.33 -26.47 -13.75
C LYS B 92 -0.97 -27.34 -12.56
N ILE B 93 -0.71 -28.62 -12.83
CA ILE B 93 -0.34 -29.60 -11.82
C ILE B 93 1.13 -29.93 -11.99
N VAL B 94 1.96 -29.55 -11.02
CA VAL B 94 3.38 -29.87 -11.02
C VAL B 94 3.64 -30.97 -9.99
N LYS B 95 4.21 -32.09 -10.44
CA LYS B 95 4.49 -33.20 -9.55
C LYS B 95 5.79 -32.98 -8.79
N TRP B 96 5.80 -33.44 -7.55
CA TRP B 96 7.05 -33.41 -6.79
C TRP B 96 8.02 -34.46 -7.32
N ASP B 97 9.22 -34.00 -7.65
CA ASP B 97 10.32 -34.86 -8.10
C ASP B 97 11.41 -34.69 -7.06
N ARG B 98 11.68 -35.74 -6.30
CA ARG B 98 12.56 -35.58 -5.16
C ARG B 98 13.99 -35.24 -5.58
N ASP B 99 14.26 -35.24 -6.89
CA ASP B 99 15.59 -34.93 -7.41
C ASP B 99 15.73 -33.48 -7.91
N MET B 100 14.74 -32.61 -7.70
CA MET B 100 14.79 -31.22 -8.21
C MET B 100 14.24 -30.18 -7.23
N LEU C 1 10.91 0.24 11.16
CA LEU C 1 9.72 1.05 11.37
C LEU C 1 8.98 1.38 10.05
N ASN C 2 7.66 1.18 10.04
CA ASN C 2 6.81 1.41 8.88
C ASN C 2 7.01 2.83 8.33
N PRO C 3 6.96 3.00 7.01
CA PRO C 3 6.89 4.35 6.42
C PRO C 3 5.60 5.09 6.75
N SER C 4 5.15 5.04 7.99
CA SER C 4 4.10 5.95 8.48
C SER C 4 2.89 5.78 7.58
N VAL C 5 2.13 6.87 7.45
CA VAL C 5 0.94 6.92 6.62
C VAL C 5 1.12 8.02 5.60
N ALA C 6 0.99 7.67 4.35
CA ALA C 6 1.20 8.61 3.27
C ALA C 6 -0.13 9.27 2.90
N ALA C 7 -0.02 10.33 2.10
CA ALA C 7 -1.21 10.96 1.55
C ALA C 7 -1.88 10.03 0.54
N THR C 8 -3.15 10.28 0.27
CA THR C 8 -3.84 9.47 -0.73
C THR C 8 -3.35 9.80 -2.14
N LEU C 9 -3.45 8.82 -3.03
CA LEU C 9 -3.13 9.09 -4.44
C LEU C 9 -4.26 9.90 -5.09
N GLU D 2 -47.86 23.21 6.92
CA GLU D 2 -47.02 22.12 6.39
C GLU D 2 -47.09 20.95 7.37
N GLY D 3 -46.96 19.71 6.87
CA GLY D 3 -47.09 18.51 7.70
C GLY D 3 -45.85 18.14 8.47
N VAL D 4 -45.86 16.98 9.13
CA VAL D 4 -44.73 16.46 9.96
C VAL D 4 -43.60 15.92 9.08
N HIS D 5 -43.83 15.77 7.79
CA HIS D 5 -42.81 15.33 6.82
C HIS D 5 -42.08 16.55 6.27
N ARG D 6 -42.26 17.74 6.82
CA ARG D 6 -41.43 18.83 6.32
C ARG D 6 -39.99 18.64 6.79
N LYS D 7 -39.08 19.22 6.02
CA LYS D 7 -37.66 18.94 6.20
C LYS D 7 -37.15 19.55 7.51
N PRO D 8 -36.23 18.88 8.18
CA PRO D 8 -35.54 19.49 9.33
C PRO D 8 -34.40 20.38 8.86
N SER D 9 -33.71 20.97 9.83
CA SER D 9 -32.53 21.77 9.58
C SER D 9 -31.27 20.98 9.90
N LEU D 10 -30.15 21.42 9.34
CA LEU D 10 -28.87 20.75 9.52
C LEU D 10 -27.77 21.80 9.46
N LEU D 11 -26.96 21.82 10.53
CA LEU D 11 -25.80 22.73 10.72
C LEU D 11 -24.59 21.98 11.34
N ALA D 12 -23.43 22.60 11.17
CA ALA D 12 -22.13 22.07 11.61
C ALA D 12 -21.63 22.98 12.71
N HIS D 13 -21.13 22.40 13.78
CA HIS D 13 -20.58 23.21 14.89
C HIS D 13 -19.13 22.81 15.04
N PRO D 14 -18.14 23.69 14.91
CA PRO D 14 -18.33 25.12 14.95
C PRO D 14 -18.54 25.74 13.58
N GLY D 15 -18.55 24.90 12.60
CA GLY D 15 -18.69 25.31 11.21
C GLY D 15 -18.38 24.12 10.38
N PRO D 16 -18.61 24.08 8.92
CA PRO D 16 -18.51 23.04 7.91
C PRO D 16 -17.08 22.85 7.41
N LEU D 17 -16.20 23.81 7.63
CA LEU D 17 -14.82 23.59 7.21
C LEU D 17 -14.06 22.95 8.38
N VAL D 18 -13.69 21.68 8.22
CA VAL D 18 -13.16 20.85 9.30
C VAL D 18 -11.70 20.53 8.99
N LYS D 19 -10.80 20.98 9.85
CA LYS D 19 -9.40 20.63 9.69
C LYS D 19 -9.22 19.12 9.80
N SER D 20 -8.29 18.60 9.02
CA SER D 20 -7.89 17.20 9.10
C SER D 20 -7.74 16.74 10.55
N GLU D 21 -8.37 15.62 10.88
CA GLU D 21 -8.28 14.90 12.16
C GLU D 21 -9.02 15.57 13.30
N GLU D 22 -9.71 16.70 13.08
CA GLU D 22 -10.54 17.30 14.12
C GLU D 22 -11.97 16.79 13.99
N THR D 23 -12.80 17.21 14.93
CA THR D 23 -14.18 16.77 15.00
C THR D 23 -15.12 17.93 14.66
N VAL D 24 -16.28 17.60 14.11
CA VAL D 24 -17.37 18.55 13.91
C VAL D 24 -18.64 17.88 14.38
N ILE D 25 -19.60 18.69 14.83
CA ILE D 25 -20.92 18.19 15.21
C ILE D 25 -21.91 18.62 14.13
N LEU D 26 -22.52 17.63 13.47
CA LEU D 26 -23.64 17.89 12.58
C LEU D 26 -24.92 17.73 13.38
N GLN D 27 -25.63 18.84 13.54
CA GLN D 27 -26.87 18.88 14.30
C GLN D 27 -28.05 18.95 13.34
N CYS D 28 -29.01 18.03 13.50
CA CYS D 28 -30.32 18.11 12.88
C CYS D 28 -31.31 18.57 13.92
N TRP D 29 -32.24 19.42 13.52
CA TRP D 29 -33.21 19.92 14.48
C TRP D 29 -34.47 20.35 13.75
N SER D 30 -35.56 20.37 14.51
CA SER D 30 -36.88 20.71 14.02
C SER D 30 -37.76 21.02 15.22
N ASP D 31 -38.80 21.83 15.01
CA ASP D 31 -39.80 21.87 16.05
C ASP D 31 -40.66 20.60 16.06
N VAL D 32 -40.58 19.80 15.00
CA VAL D 32 -41.28 18.52 14.95
C VAL D 32 -40.60 17.52 15.88
N ARG D 33 -41.41 16.89 16.73
CA ARG D 33 -40.93 15.96 17.74
C ARG D 33 -40.58 14.61 17.11
N PHE D 34 -39.57 14.62 16.23
CA PHE D 34 -39.11 13.39 15.60
C PHE D 34 -38.52 12.46 16.65
N GLU D 35 -38.90 11.19 16.62
CA GLU D 35 -38.34 10.25 17.58
C GLU D 35 -36.93 9.81 17.19
N HIS D 36 -36.58 9.85 15.90
CA HIS D 36 -35.24 9.51 15.44
C HIS D 36 -34.80 10.46 14.34
N PHE D 37 -33.48 10.57 14.14
CA PHE D 37 -32.90 11.29 13.01
C PHE D 37 -31.94 10.39 12.25
N LEU D 38 -31.88 10.56 10.93
CA LEU D 38 -30.88 9.92 10.10
C LEU D 38 -30.06 10.99 9.41
N LEU D 39 -28.75 10.83 9.43
CA LEU D 39 -27.82 11.71 8.72
C LEU D 39 -27.23 10.89 7.59
N HIS D 40 -27.39 11.37 6.36
CA HIS D 40 -26.93 10.64 5.18
C HIS D 40 -25.83 11.43 4.49
N ARG D 41 -24.69 10.78 4.24
CA ARG D 41 -23.68 11.34 3.37
C ARG D 41 -23.81 10.65 2.02
N GLU D 42 -24.02 11.43 0.97
CA GLU D 42 -24.14 10.87 -0.37
C GLU D 42 -22.78 10.85 -1.06
N GLY D 43 -22.76 10.19 -2.22
CA GLY D 43 -21.58 10.19 -3.08
C GLY D 43 -20.66 8.98 -3.02
N LYS D 44 -19.36 9.21 -3.06
CA LYS D 44 -18.41 8.12 -3.26
C LYS D 44 -18.29 7.21 -2.04
N TYR D 45 -18.52 7.75 -0.84
CA TYR D 45 -18.52 6.97 0.40
C TYR D 45 -19.83 7.22 1.13
N LYS D 46 -20.93 6.82 0.49
CA LYS D 46 -22.24 6.90 1.13
C LYS D 46 -22.22 6.22 2.49
N ASP D 47 -22.88 6.86 3.46
CA ASP D 47 -23.09 6.28 4.77
C ASP D 47 -24.36 6.88 5.36
N THR D 48 -24.87 6.22 6.40
CA THR D 48 -26.09 6.64 7.10
C THR D 48 -25.93 6.37 8.58
N LEU D 49 -26.16 7.39 9.38
CA LEU D 49 -26.06 7.34 10.83
C LEU D 49 -27.43 7.59 11.43
N HIS D 50 -27.65 7.04 12.62
CA HIS D 50 -28.95 7.12 13.27
C HIS D 50 -28.75 7.56 14.71
N LEU D 51 -29.61 8.47 15.18
CA LEU D 51 -29.60 8.88 16.56
C LEU D 51 -31.03 9.06 17.05
N ILE D 52 -31.29 8.60 18.27
CA ILE D 52 -32.57 8.89 18.88
C ILE D 52 -32.67 10.40 19.04
N GLY D 53 -33.89 10.93 18.93
CA GLY D 53 -34.09 12.35 19.04
C GLY D 53 -34.04 12.84 20.46
N GLU D 54 -33.53 14.05 20.63
CA GLU D 54 -33.49 14.75 21.91
C GLU D 54 -34.45 15.93 21.88
N HIS D 55 -35.25 16.08 22.93
CA HIS D 55 -36.28 17.10 22.98
C HIS D 55 -36.02 18.03 24.16
N HIS D 56 -35.52 19.22 23.87
CA HIS D 56 -35.46 20.29 24.84
C HIS D 56 -36.53 21.32 24.52
N ASP D 57 -36.58 22.39 25.30
CA ASP D 57 -37.59 23.41 25.04
C ASP D 57 -37.29 24.07 23.69
N GLY D 58 -38.28 24.04 22.81
CA GLY D 58 -38.24 24.66 21.52
C GLY D 58 -37.78 23.78 20.38
N VAL D 59 -36.89 22.82 20.64
CA VAL D 59 -36.22 22.09 19.57
C VAL D 59 -36.11 20.60 19.88
N SER D 60 -36.24 19.80 18.83
CA SER D 60 -35.92 18.37 18.85
C SER D 60 -34.69 18.18 18.00
N LYS D 61 -33.63 17.59 18.57
CA LYS D 61 -32.33 17.58 17.89
C LYS D 61 -31.67 16.21 18.00
N ALA D 62 -30.67 16.02 17.15
CA ALA D 62 -29.69 14.94 17.27
C ALA D 62 -28.34 15.49 16.87
N ASN D 63 -27.32 15.21 17.67
CA ASN D 63 -25.98 15.74 17.46
C ASN D 63 -25.04 14.64 16.97
N PHE D 64 -24.81 14.62 15.67
CA PHE D 64 -23.93 13.61 15.05
C PHE D 64 -22.50 14.10 15.09
N SER D 65 -21.61 13.39 15.73
CA SER D 65 -20.21 13.84 15.71
C SER D 65 -19.45 13.08 14.64
N ILE D 66 -18.92 13.83 13.68
CA ILE D 66 -18.07 13.32 12.57
C ILE D 66 -16.66 13.52 13.08
N GLY D 67 -16.04 12.45 13.56
CA GLY D 67 -14.79 12.55 14.31
C GLY D 67 -13.65 11.96 13.59
N PRO D 68 -12.41 12.24 13.99
CA PRO D 68 -11.18 12.09 13.27
C PRO D 68 -11.47 12.41 11.80
N MET D 69 -11.49 13.68 11.47
CA MET D 69 -11.82 14.12 10.09
C MET D 69 -10.90 13.47 9.07
N MET D 70 -11.48 12.68 8.20
CA MET D 70 -10.71 12.05 7.12
C MET D 70 -11.40 12.35 5.80
N GLN D 71 -10.71 12.15 4.72
CA GLN D 71 -11.25 12.49 3.42
C GLN D 71 -12.52 11.70 3.09
N ASP D 72 -12.65 10.46 3.61
CA ASP D 72 -13.88 9.71 3.34
C ASP D 72 -15.08 10.25 4.11
N LEU D 73 -14.87 11.19 5.03
CA LEU D 73 -15.97 11.85 5.73
C LEU D 73 -16.38 13.17 5.06
N ALA D 74 -15.64 13.66 4.08
CA ALA D 74 -16.01 14.90 3.43
C ALA D 74 -17.04 14.64 2.34
N GLY D 75 -17.98 15.58 2.18
CA GLY D 75 -19.00 15.48 1.14
C GLY D 75 -20.30 16.14 1.59
N THR D 76 -21.37 15.78 0.88
CA THR D 76 -22.67 16.41 1.06
C THR D 76 -23.50 15.59 2.03
N TYR D 77 -24.07 16.28 3.02
CA TYR D 77 -24.86 15.66 4.08
C TYR D 77 -26.28 16.19 4.00
N ARG D 78 -27.23 15.28 4.08
CA ARG D 78 -28.63 15.62 4.23
C ARG D 78 -29.11 14.86 5.45
N CYS D 79 -30.18 15.34 6.06
CA CYS D 79 -30.69 14.56 7.18
C CYS D 79 -32.20 14.57 7.21
N TYR D 80 -32.72 13.62 7.98
CA TYR D 80 -34.09 13.18 7.91
C TYR D 80 -34.60 12.97 9.31
N GLY D 81 -35.89 13.27 9.52
CA GLY D 81 -36.57 12.89 10.73
C GLY D 81 -37.46 11.69 10.45
N SER D 82 -37.60 10.82 11.43
CA SER D 82 -38.43 9.64 11.32
C SER D 82 -39.64 9.80 12.21
N VAL D 83 -40.82 9.83 11.60
CA VAL D 83 -42.07 9.89 12.35
C VAL D 83 -42.33 8.61 13.13
N THR D 84 -41.55 7.56 12.89
CA THR D 84 -41.78 6.25 13.47
C THR D 84 -40.48 5.62 13.95
N HIS D 85 -40.63 4.46 14.59
CA HIS D 85 -39.52 3.77 15.29
C HIS D 85 -38.86 2.58 14.57
N SER D 86 -39.64 1.62 14.09
CA SER D 86 -39.04 0.41 13.49
C SER D 86 -38.62 0.72 12.06
N PRO D 87 -39.46 0.39 11.06
CA PRO D 87 -39.16 0.76 9.68
C PRO D 87 -39.28 2.29 9.71
N TYR D 88 -38.32 3.02 9.14
CA TYR D 88 -38.36 4.49 9.25
C TYR D 88 -39.31 5.07 8.20
N GLN D 89 -40.15 6.03 8.61
CA GLN D 89 -41.05 6.82 7.77
C GLN D 89 -40.51 8.25 7.76
N LEU D 90 -39.66 8.53 6.77
CA LEU D 90 -38.80 9.70 6.79
C LEU D 90 -39.49 10.95 6.27
N SER D 91 -39.09 12.09 6.85
CA SER D 91 -39.52 13.38 6.37
C SER D 91 -38.81 13.71 5.05
N ALA D 92 -39.18 14.86 4.47
CA ALA D 92 -38.40 15.43 3.39
C ALA D 92 -36.96 15.62 3.87
N PRO D 93 -35.99 15.53 2.96
CA PRO D 93 -34.60 15.79 3.35
C PRO D 93 -34.35 17.26 3.64
N SER D 94 -33.52 17.50 4.63
CA SER D 94 -33.01 18.84 4.86
C SER D 94 -32.26 19.36 3.64
N ASP D 95 -32.08 20.67 3.62
CA ASP D 95 -31.17 21.27 2.66
C ASP D 95 -29.80 20.59 2.80
N PRO D 96 -29.08 20.40 1.71
CA PRO D 96 -27.78 19.71 1.79
C PRO D 96 -26.74 20.61 2.43
N LEU D 97 -25.76 19.97 3.06
CA LEU D 97 -24.71 20.71 3.74
C LEU D 97 -23.38 20.08 3.36
N ASP D 98 -22.48 20.90 2.82
CA ASP D 98 -21.18 20.42 2.36
C ASP D 98 -20.19 20.50 3.51
N ILE D 99 -19.59 19.37 3.85
CA ILE D 99 -18.58 19.32 4.90
C ILE D 99 -17.24 19.02 4.23
N VAL D 100 -16.32 19.97 4.33
CA VAL D 100 -15.04 19.85 3.64
C VAL D 100 -13.95 19.64 4.67
N ILE D 101 -12.93 18.88 4.28
CA ILE D 101 -11.71 18.68 5.05
C ILE D 101 -10.66 19.65 4.51
N THR D 102 -9.99 20.35 5.40
CA THR D 102 -8.97 21.30 4.99
C THR D 102 -7.62 20.86 5.51
N GLY D 103 -6.59 21.55 5.09
CA GLY D 103 -5.26 21.30 5.59
C GLY D 103 -4.49 20.24 4.84
N LEU D 104 -4.94 19.83 3.66
CA LEU D 104 -4.30 18.76 2.90
C LEU D 104 -3.19 19.26 1.98
N TYR D 105 -3.14 20.55 1.69
CA TYR D 105 -2.17 21.10 0.74
C TYR D 105 -1.68 22.44 1.26
N GLU D 106 -0.65 22.98 0.61
CA GLU D 106 -0.05 24.21 1.11
C GLU D 106 -1.00 25.39 0.94
N LYS D 107 -0.92 26.34 1.86
CA LYS D 107 -1.86 27.44 1.81
C LYS D 107 -1.63 28.30 0.57
N PRO D 108 -2.68 28.80 -0.07
CA PRO D 108 -2.52 29.84 -1.10
C PRO D 108 -2.18 31.18 -0.47
N SER D 109 -1.83 32.13 -1.33
CA SER D 109 -1.75 33.54 -0.95
C SER D 109 -3.07 34.23 -1.24
N LEU D 110 -3.39 35.24 -0.42
CA LEU D 110 -4.64 35.99 -0.55
C LEU D 110 -4.34 37.46 -0.40
N SER D 111 -4.71 38.27 -1.40
CA SER D 111 -4.41 39.69 -1.39
C SER D 111 -5.59 40.49 -1.93
N ALA D 112 -5.53 41.77 -1.61
CA ALA D 112 -6.54 42.79 -1.93
C ALA D 112 -5.98 43.67 -3.04
N GLN D 113 -6.58 43.61 -4.21
CA GLN D 113 -6.00 44.25 -5.40
C GLN D 113 -5.75 45.72 -5.18
N PRO D 114 -6.78 46.51 -4.88
CA PRO D 114 -6.62 47.95 -4.78
C PRO D 114 -6.31 48.43 -3.38
N GLY D 115 -5.65 47.60 -2.57
CA GLY D 115 -5.33 47.85 -1.15
C GLY D 115 -6.41 47.20 -0.31
N PRO D 116 -6.22 46.69 1.07
CA PRO D 116 -7.14 46.01 1.99
C PRO D 116 -7.90 46.96 2.91
N THR D 117 -7.35 48.16 3.11
CA THR D 117 -8.02 49.23 3.87
C THR D 117 -8.53 50.24 2.85
N VAL D 118 -9.84 50.31 2.69
CA VAL D 118 -10.43 51.02 1.56
C VAL D 118 -11.49 51.97 2.07
N LEU D 119 -11.71 53.05 1.31
CA LEU D 119 -12.78 53.97 1.62
C LEU D 119 -14.12 53.35 1.21
N ALA D 120 -15.17 53.74 1.91
CA ALA D 120 -16.49 53.21 1.60
C ALA D 120 -16.90 53.65 0.20
N GLY D 121 -17.37 52.70 -0.60
CA GLY D 121 -17.76 52.98 -1.97
C GLY D 121 -16.82 52.38 -3.00
N GLU D 122 -15.52 52.36 -2.67
CA GLU D 122 -14.51 51.82 -3.58
C GLU D 122 -14.69 50.32 -3.79
N SER D 123 -14.65 49.88 -5.04
CA SER D 123 -14.66 48.45 -5.35
C SER D 123 -13.32 47.81 -5.00
N VAL D 124 -13.35 46.54 -4.60
CA VAL D 124 -12.14 45.84 -4.19
C VAL D 124 -12.18 44.40 -4.70
N THR D 125 -11.04 43.94 -5.21
CA THR D 125 -10.87 42.57 -5.68
C THR D 125 -9.96 41.82 -4.71
N LEU D 126 -10.42 40.66 -4.25
CA LEU D 126 -9.56 39.73 -3.54
C LEU D 126 -9.06 38.69 -4.53
N SER D 127 -7.80 38.31 -4.41
CA SER D 127 -7.22 37.36 -5.34
C SER D 127 -6.58 36.22 -4.59
N CYS D 128 -6.89 35.00 -5.02
CA CYS D 128 -6.31 33.79 -4.46
C CYS D 128 -5.30 33.25 -5.45
N SER D 129 -4.05 33.09 -5.02
CA SER D 129 -3.00 32.64 -5.91
C SER D 129 -2.09 31.63 -5.23
N SER D 130 -1.65 30.65 -6.00
CA SER D 130 -0.64 29.69 -5.56
C SER D 130 0.17 29.28 -6.77
N ARG D 131 1.31 28.67 -6.50
CA ARG D 131 2.06 28.01 -7.56
C ARG D 131 1.82 26.51 -7.59
N SER D 132 1.07 25.96 -6.64
CA SER D 132 0.44 24.66 -6.85
C SER D 132 -0.71 24.79 -7.83
N SER D 133 -0.93 23.73 -8.61
CA SER D 133 -1.87 23.83 -9.74
C SER D 133 -3.30 23.49 -9.31
N TYR D 134 -3.78 24.18 -8.29
CA TYR D 134 -5.16 24.01 -7.87
C TYR D 134 -6.09 24.30 -9.03
N ASP D 135 -7.19 23.57 -9.10
CA ASP D 135 -8.22 23.75 -10.12
C ASP D 135 -9.23 24.81 -9.71
N MET D 136 -9.56 24.86 -8.43
CA MET D 136 -10.58 25.74 -7.91
C MET D 136 -10.09 26.43 -6.65
N TYR D 137 -10.51 27.67 -6.46
CA TYR D 137 -10.24 28.43 -5.25
C TYR D 137 -11.54 28.73 -4.51
N HIS D 138 -11.46 28.78 -3.19
CA HIS D 138 -12.63 29.03 -2.35
C HIS D 138 -12.34 30.19 -1.41
N LEU D 139 -13.23 31.19 -1.43
CA LEU D 139 -13.12 32.37 -0.58
C LEU D 139 -14.25 32.34 0.45
N SER D 140 -13.90 32.58 1.71
CA SER D 140 -14.87 32.55 2.79
C SER D 140 -14.69 33.75 3.71
N ARG D 141 -15.75 34.54 3.87
CA ARG D 141 -15.80 35.55 4.92
C ARG D 141 -16.29 34.88 6.19
N GLU D 142 -15.64 35.20 7.30
CA GLU D 142 -15.79 34.52 8.62
C GLU D 142 -17.23 34.29 9.08
N HIS D 146 -18.96 31.46 3.94
CA HIS D 146 -18.01 30.33 4.12
C HIS D 146 -17.73 29.66 2.79
N GLU D 147 -18.63 29.78 1.81
CA GLU D 147 -18.32 29.06 0.55
C GLU D 147 -18.64 29.93 -0.67
N ARG D 148 -17.61 30.43 -1.35
CA ARG D 148 -17.71 31.17 -2.64
C ARG D 148 -16.56 30.66 -3.53
N ARG D 149 -16.83 30.19 -4.73
CA ARG D 149 -15.71 29.56 -5.45
C ARG D 149 -15.57 30.02 -6.88
N PHE D 150 -14.33 30.02 -7.37
CA PHE D 150 -13.98 30.42 -8.74
C PHE D 150 -12.91 29.46 -9.24
N SER D 151 -12.89 29.27 -10.57
CA SER D 151 -11.91 28.38 -11.19
C SER D 151 -10.55 29.06 -11.29
N ALA D 152 -9.50 28.24 -11.33
CA ALA D 152 -8.14 28.73 -11.36
C ALA D 152 -7.76 29.25 -12.75
N GLY D 153 -6.84 30.21 -12.78
CA GLY D 153 -6.35 30.81 -14.03
C GLY D 153 -5.07 30.13 -14.41
N PRO D 154 -5.12 29.27 -15.43
CA PRO D 154 -4.02 28.38 -15.85
C PRO D 154 -2.66 28.89 -16.31
N LYS D 155 -1.64 28.53 -15.56
CA LYS D 155 -0.22 28.84 -15.80
C LYS D 155 0.01 30.22 -16.45
N VAL D 156 -0.09 31.31 -15.68
CA VAL D 156 0.29 32.64 -16.20
C VAL D 156 1.43 33.11 -15.30
N ASN D 157 2.65 33.24 -15.82
CA ASN D 157 3.82 33.54 -14.95
C ASN D 157 3.92 32.36 -13.97
N GLY D 158 3.26 31.28 -14.36
CA GLY D 158 3.26 30.00 -13.65
C GLY D 158 2.32 29.93 -12.48
N THR D 159 1.75 31.05 -12.01
CA THR D 159 0.87 30.93 -10.84
C THR D 159 -0.54 30.61 -11.30
N PHE D 160 -1.25 29.92 -10.44
CA PHE D 160 -2.67 29.76 -10.69
C PHE D 160 -3.43 30.69 -9.76
N GLN D 161 -4.30 31.51 -10.32
CA GLN D 161 -5.00 32.46 -9.47
C GLN D 161 -6.46 32.64 -9.90
N ALA D 162 -7.30 32.94 -8.92
CA ALA D 162 -8.69 33.30 -9.16
C ALA D 162 -9.00 34.58 -8.42
N ASP D 163 -9.73 35.47 -9.07
CA ASP D 163 -10.03 36.79 -8.53
C ASP D 163 -11.49 36.86 -8.13
N PHE D 164 -11.73 37.40 -6.93
CA PHE D 164 -13.07 37.59 -6.40
C PHE D 164 -13.29 39.10 -6.25
N PRO D 165 -14.06 39.73 -7.13
CA PRO D 165 -14.48 41.11 -6.89
C PRO D 165 -15.49 41.15 -5.75
N LEU D 166 -15.27 42.05 -4.80
CA LEU D 166 -16.18 42.20 -3.68
C LEU D 166 -17.21 43.29 -3.91
N GLY D 167 -17.14 43.99 -5.03
CA GLY D 167 -18.05 45.08 -5.29
C GLY D 167 -17.76 46.28 -4.40
N PRO D 168 -18.54 47.33 -4.56
CA PRO D 168 -18.35 48.53 -3.74
C PRO D 168 -18.46 48.21 -2.26
N ALA D 169 -17.47 48.69 -1.51
CA ALA D 169 -17.20 48.24 -0.14
C ALA D 169 -18.23 48.83 0.82
N THR D 170 -19.07 47.97 1.40
CA THR D 170 -20.00 48.41 2.43
C THR D 170 -19.43 48.16 3.83
N HIS D 171 -19.37 46.90 4.26
CA HIS D 171 -19.09 46.60 5.66
C HIS D 171 -17.70 46.05 5.93
N GLY D 172 -17.14 45.25 5.02
CA GLY D 172 -15.85 44.67 5.29
C GLY D 172 -15.96 43.31 5.93
N GLY D 173 -14.81 42.75 6.26
CA GLY D 173 -14.77 41.45 6.91
C GLY D 173 -13.38 40.86 6.85
N THR D 174 -13.27 39.65 7.41
CA THR D 174 -12.03 38.89 7.41
C THR D 174 -12.18 37.70 6.47
N TYR D 175 -11.23 37.57 5.55
CA TYR D 175 -11.33 36.63 4.45
C TYR D 175 -10.20 35.61 4.51
N ARG D 176 -10.51 34.36 4.19
CA ARG D 176 -9.51 33.32 4.03
C ARG D 176 -9.75 32.63 2.71
N CYS D 177 -8.73 31.89 2.24
CA CYS D 177 -8.76 31.34 0.90
C CYS D 177 -8.17 29.93 0.88
N PHE D 178 -8.83 29.02 0.15
CA PHE D 178 -8.44 27.62 0.06
C PHE D 178 -8.45 27.20 -1.41
N GLY D 179 -7.52 26.29 -1.73
CA GLY D 179 -7.43 25.73 -3.07
C GLY D 179 -7.88 24.27 -3.06
N SER D 180 -8.21 23.75 -4.24
CA SER D 180 -8.83 22.44 -4.33
C SER D 180 -8.64 21.88 -5.75
N PHE D 181 -8.76 20.57 -5.86
CA PHE D 181 -8.58 19.86 -7.13
C PHE D 181 -9.92 19.30 -7.59
N ARG D 182 -10.20 19.44 -8.87
CA ARG D 182 -11.50 19.13 -9.50
C ARG D 182 -12.12 17.78 -9.10
N ASP D 183 -11.35 16.74 -8.96
CA ASP D 183 -11.90 15.42 -8.72
C ASP D 183 -12.30 15.17 -7.28
N SER D 184 -11.83 15.99 -6.35
CA SER D 184 -12.18 15.86 -4.94
C SER D 184 -12.56 17.26 -4.42
N PRO D 185 -13.78 17.70 -4.76
CA PRO D 185 -14.14 19.10 -4.42
C PRO D 185 -14.31 19.36 -2.93
N TYR D 186 -14.39 18.34 -2.09
CA TYR D 186 -14.57 18.54 -0.65
C TYR D 186 -13.26 18.39 0.11
N GLU D 187 -12.13 18.47 -0.58
CA GLU D 187 -10.80 18.30 0.02
C GLU D 187 -9.97 19.51 -0.33
N TRP D 188 -9.65 20.33 0.67
CA TRP D 188 -9.11 21.67 0.47
C TRP D 188 -7.70 21.80 1.04
N SER D 189 -6.99 22.80 0.54
CA SER D 189 -5.69 23.16 1.08
C SER D 189 -5.81 23.74 2.48
N ASN D 190 -4.66 24.08 3.07
CA ASN D 190 -4.65 24.92 4.25
C ASN D 190 -5.29 26.26 3.94
N SER D 191 -5.76 26.92 4.99
CA SER D 191 -6.24 28.28 4.84
C SER D 191 -5.10 29.21 4.49
N SER D 192 -5.35 30.16 3.59
CA SER D 192 -4.39 31.23 3.42
C SER D 192 -4.31 32.03 4.71
N ASP D 193 -3.32 32.91 4.77
CA ASP D 193 -3.27 33.86 5.86
C ASP D 193 -4.55 34.70 5.82
N PRO D 194 -5.27 34.85 6.92
CA PRO D 194 -6.51 35.64 6.89
C PRO D 194 -6.22 37.10 6.55
N LEU D 195 -7.05 37.66 5.68
CA LEU D 195 -6.95 39.04 5.25
C LEU D 195 -8.08 39.83 5.87
N LEU D 196 -7.75 40.89 6.60
CA LEU D 196 -8.75 41.81 7.14
C LEU D 196 -8.99 42.93 6.14
N VAL D 197 -10.23 43.06 5.68
CA VAL D 197 -10.63 44.21 4.85
C VAL D 197 -11.28 45.25 5.75
N SER D 198 -10.75 46.47 5.75
CA SER D 198 -11.31 47.57 6.50
C SER D 198 -11.97 48.55 5.54
N VAL D 199 -13.23 48.85 5.78
CA VAL D 199 -13.97 49.81 4.97
C VAL D 199 -14.18 51.08 5.80
N THR D 200 -13.27 52.04 5.63
CA THR D 200 -13.28 53.25 6.45
C THR D 200 -14.00 54.41 5.76
#